data_5M6Y
#
_entry.id   5M6Y
#
_cell.length_a   58.688
_cell.length_b   73.142
_cell.length_c   109.323
_cell.angle_alpha   90.00
_cell.angle_beta   90.00
_cell.angle_gamma   90.00
#
_symmetry.space_group_name_H-M   'P 21 21 21'
#
loop_
_entity.id
_entity.type
_entity.pdbx_description
1 polymer 'cAMP-dependent protein kinase catalytic subunit alpha'
2 polymer 'cAMP-dependent protein kinase inhibitor alpha'
3 non-polymer 5-(1,4-diazepan-1-ylsulfonyl)-4-methyl-isoquinoline
4 non-polymer (4S)-2-METHYL-2,4-PENTANEDIOL
5 water water
#
loop_
_entity_poly.entity_id
_entity_poly.type
_entity_poly.pdbx_seq_one_letter_code
_entity_poly.pdbx_strand_id
1 'polypeptide(L)'
;GHMGNAAAAKKG(SEP)EQESVKEFLAKAKEEFLKKWESPSQNTAQLDHFDRIKTLGTGSFGRVMLVKHKETGNHYAMKI
LDKQKVVKLKQIEHTLNEKRILQAVNFPFLVKLEFSFKDNSNLYMVMEYVPGGEMFSHLRRIGRFSEPHARFYAAQIVLT
FEYLHSLDLIYRDLKPENLLIDQQGYIQVTDFGFAKRVKGRTW(TPO)LCGTPEYLAPEIILSKGYNKAVDWWALGVLIY
EMAAGYPPFFADQPIQIYEKIVSGKVRFPSHFSSDLKDLLRNLLQVDLTKRFGNLKNGVNDIKNHKWFATTDWIAIYQRK
VEAPFIPKFKGPGDTSNFDDYEEEEIRV(SEP)INEKCGKEFTEF
;
A
2 'polypeptide(L)' TTYADFIASGRTGRRNAIHD B
#
loop_
_chem_comp.id
_chem_comp.type
_chem_comp.name
_chem_comp.formula
7KB non-polymer 5-(1,4-diazepan-1-ylsulfonyl)-4-methyl-isoquinoline 'C15 H19 N3 O2 S'
MPD non-polymer (4S)-2-METHYL-2,4-PENTANEDIOL 'C6 H14 O2'
#
# COMPACT_ATOMS: atom_id res chain seq x y z
N GLY A 1 -28.64 11.26 22.45
CA GLY A 1 -27.42 11.28 21.61
C GLY A 1 -27.52 10.26 20.50
N HIS A 2 -26.42 10.02 19.78
CA HIS A 2 -26.49 9.11 18.65
C HIS A 2 -26.52 7.65 19.07
N MET A 3 -25.87 7.31 20.17
CA MET A 3 -25.83 5.94 20.63
C MET A 3 -26.58 5.79 21.94
N GLY A 4 -27.37 4.72 22.05
CA GLY A 4 -27.90 4.33 23.33
C GLY A 4 -26.82 3.71 24.20
N ASN A 5 -27.22 3.35 25.43
CA ASN A 5 -26.23 2.90 26.42
C ASN A 5 -25.47 1.66 25.94
N ALA A 6 -26.17 0.66 25.37
CA ALA A 6 -25.51 -0.58 24.98
C ALA A 6 -24.51 -0.34 23.87
N ALA A 7 -24.91 0.44 22.86
CA ALA A 7 -24.02 0.70 21.73
C ALA A 7 -22.82 1.52 22.18
N ALA A 8 -23.05 2.50 23.06
CA ALA A 8 -21.93 3.32 23.53
C ALA A 8 -20.93 2.48 24.33
N ALA A 9 -21.44 1.58 25.17
CA ALA A 9 -20.56 0.72 25.96
C ALA A 9 -19.77 -0.23 25.06
N LYS A 10 -20.42 -0.78 24.04
CA LYS A 10 -19.76 -1.71 23.14
C LYS A 10 -18.67 -1.00 22.34
N LYS A 11 -18.97 0.21 21.86
CA LYS A 11 -17.98 0.98 21.11
C LYS A 11 -16.79 1.36 22.00
N GLY A 12 -17.07 1.80 23.23
CA GLY A 12 -16.00 2.15 24.14
C GLY A 12 -15.07 0.97 24.41
N SEP A 13 -15.66 -0.19 24.66
CA SEP A 13 -14.87 -1.38 24.95
CB SEP A 13 -15.81 -2.53 25.34
OG SEP A 13 -15.08 -3.73 25.37
C SEP A 13 -14.02 -1.76 23.73
O SEP A 13 -12.85 -2.12 23.86
P SEP A 13 -15.48 -4.78 26.52
O1P SEP A 13 -14.65 -6.08 26.19
O2P SEP A 13 -17.04 -5.00 26.46
O3P SEP A 13 -15.05 -4.15 27.93
H SEP A 13 -16.50 -0.32 24.69
HA SEP A 13 -14.26 -1.21 25.70
HB2 SEP A 13 -16.52 -2.60 24.68
HB3 SEP A 13 -16.18 -2.35 26.22
N GLU A 14 -14.61 -1.69 22.55
CA GLU A 14 -13.90 -1.99 21.31
C GLU A 14 -12.70 -1.08 21.11
N GLN A 15 -12.88 0.21 21.37
CA GLN A 15 -11.79 1.16 21.21
C GLN A 15 -10.69 0.91 22.23
N GLU A 16 -11.05 0.54 23.46
CA GLU A 16 -10.03 0.19 24.44
C GLU A 16 -9.27 -1.05 24.04
N SER A 17 -9.97 -2.05 23.48
CA SER A 17 -9.31 -3.26 23.04
C SER A 17 -8.33 -2.99 21.90
N VAL A 18 -8.64 -2.04 21.02
CA VAL A 18 -7.68 -1.64 19.99
C VAL A 18 -6.39 -1.16 20.65
N LYS A 19 -6.51 -0.30 21.67
CA LYS A 19 -5.31 0.21 22.32
C LYS A 19 -4.48 -0.94 22.89
N GLU A 20 -5.14 -1.93 23.48
CA GLU A 20 -4.43 -3.06 24.08
C GLU A 20 -3.73 -3.88 23.01
N PHE A 21 -4.40 -4.15 21.89
CA PHE A 21 -3.78 -4.85 20.77
C PHE A 21 -2.56 -4.11 20.27
N LEU A 22 -2.69 -2.81 20.04
CA LEU A 22 -1.60 -2.03 19.46
C LEU A 22 -0.41 -1.98 20.39
N ALA A 23 -0.64 -1.92 21.71
CA ALA A 23 0.49 -1.87 22.62
C ALA A 23 1.30 -3.15 22.53
N LYS A 24 0.62 -4.29 22.45
CA LYS A 24 1.35 -5.54 22.28
C LYS A 24 2.04 -5.60 20.93
N ALA A 25 1.35 -5.16 19.87
CA ALA A 25 1.94 -5.21 18.54
C ALA A 25 3.20 -4.37 18.46
N LYS A 26 3.23 -3.25 19.18
CA LYS A 26 4.42 -2.40 19.15
C LYS A 26 5.59 -3.06 19.87
N GLU A 27 5.31 -3.69 21.01
CA GLU A 27 6.34 -4.45 21.70
C GLU A 27 6.96 -5.48 20.77
N GLU A 28 6.12 -6.22 20.04
CA GLU A 28 6.60 -7.26 19.14
C GLU A 28 7.40 -6.65 17.99
N PHE A 29 6.92 -5.55 17.41
CA PHE A 29 7.64 -4.90 16.33
C PHE A 29 9.01 -4.44 16.79
N LEU A 30 9.09 -3.83 17.98
CA LEU A 30 10.36 -3.24 18.39
C LEU A 30 11.41 -4.31 18.64
N LYS A 31 11.01 -5.51 19.09
CA LYS A 31 11.98 -6.59 19.28
C LYS A 31 12.60 -7.00 17.94
N LYS A 32 11.75 -7.18 16.91
CA LYS A 32 12.25 -7.59 15.60
C LYS A 32 12.98 -6.45 14.90
N TRP A 33 12.57 -5.22 15.15
CA TRP A 33 13.22 -4.06 14.53
C TRP A 33 14.65 -3.95 15.00
N GLU A 34 14.90 -4.28 16.27
CA GLU A 34 16.23 -4.16 16.85
C GLU A 34 17.11 -5.37 16.60
N SER A 35 16.54 -6.50 16.18
CA SER A 35 17.31 -7.71 15.89
C SER A 35 16.82 -8.36 14.61
N PRO A 36 17.15 -7.79 13.45
CA PRO A 36 16.58 -8.27 12.20
C PRO A 36 17.22 -9.57 11.71
N SER A 37 16.40 -10.38 11.04
CA SER A 37 16.86 -11.61 10.42
C SER A 37 17.66 -11.31 9.15
N GLN A 38 18.44 -12.29 8.70
CA GLN A 38 19.34 -12.11 7.57
C GLN A 38 19.69 -13.46 6.97
N ASN A 39 20.10 -13.42 5.69
CA ASN A 39 20.72 -14.56 5.00
C ASN A 39 19.99 -15.87 5.27
N THR A 40 18.69 -15.87 5.01
CA THR A 40 17.85 -17.02 5.33
C THR A 40 17.65 -17.99 4.17
N ALA A 41 18.30 -17.79 3.02
CA ALA A 41 18.21 -18.73 1.89
C ALA A 41 19.29 -18.37 0.86
N GLN A 42 19.26 -19.02 -0.30
CA GLN A 42 20.17 -18.73 -1.40
C GLN A 42 19.48 -18.98 -2.74
N LEU A 43 20.09 -18.46 -3.81
CA LEU A 43 19.40 -18.41 -5.11
C LEU A 43 19.09 -19.80 -5.65
N ASP A 44 20.03 -20.74 -5.52
CA ASP A 44 19.80 -22.08 -6.06
C ASP A 44 18.79 -22.90 -5.27
N HIS A 45 18.20 -22.33 -4.20
CA HIS A 45 17.07 -22.97 -3.54
C HIS A 45 15.77 -22.80 -4.31
N PHE A 46 15.75 -22.02 -5.39
CA PHE A 46 14.52 -21.70 -6.08
C PHE A 46 14.67 -21.92 -7.59
N ASP A 47 13.60 -22.40 -8.21
CA ASP A 47 13.45 -22.36 -9.66
C ASP A 47 12.75 -21.05 -10.03
N ARG A 48 13.31 -20.34 -11.00
N ARG A 48 13.33 -20.37 -11.00
CA ARG A 48 12.69 -19.12 -11.48
CA ARG A 48 12.76 -19.15 -11.57
C ARG A 48 11.73 -19.44 -12.62
C ARG A 48 11.69 -19.53 -12.60
N ILE A 49 10.50 -18.95 -12.49
CA ILE A 49 9.37 -19.32 -13.35
C ILE A 49 9.02 -18.23 -14.36
N LYS A 50 8.76 -17.01 -13.91
CA LYS A 50 8.23 -15.98 -14.78
C LYS A 50 8.39 -14.63 -14.12
N THR A 51 8.62 -13.59 -14.93
CA THR A 51 8.64 -12.23 -14.42
C THR A 51 7.22 -11.71 -14.26
N LEU A 52 6.92 -11.19 -13.06
CA LEU A 52 5.59 -10.70 -12.74
C LEU A 52 5.47 -9.20 -12.66
N GLY A 53 6.60 -8.50 -12.57
CA GLY A 53 6.58 -7.06 -12.45
C GLY A 53 7.98 -6.53 -12.65
N THR A 54 8.08 -5.32 -13.17
CA THR A 54 9.35 -4.65 -13.37
C THR A 54 9.22 -3.19 -12.99
N GLY A 55 10.38 -2.57 -12.76
CA GLY A 55 10.42 -1.16 -12.45
C GLY A 55 11.87 -0.72 -12.37
N SER A 56 12.05 0.55 -12.04
CA SER A 56 13.41 1.03 -11.82
C SER A 56 14.11 0.24 -10.72
N PHE A 57 13.34 -0.32 -9.78
CA PHE A 57 13.91 -1.13 -8.70
C PHE A 57 14.51 -2.44 -9.19
N GLY A 58 14.11 -2.92 -10.35
CA GLY A 58 14.51 -4.24 -10.78
C GLY A 58 13.30 -5.02 -11.23
N ARG A 59 13.13 -6.23 -10.72
N ARG A 59 13.15 -6.24 -10.73
CA ARG A 59 12.00 -7.04 -11.15
CA ARG A 59 12.05 -7.08 -11.16
C ARG A 59 11.56 -7.95 -10.03
C ARG A 59 11.55 -7.93 -10.01
N VAL A 60 10.34 -8.44 -10.16
CA VAL A 60 9.77 -9.44 -9.27
C VAL A 60 9.47 -10.66 -10.11
N MET A 61 9.95 -11.82 -9.68
CA MET A 61 9.72 -13.07 -10.39
C MET A 61 8.94 -14.05 -9.53
N LEU A 62 8.06 -14.80 -10.19
CA LEU A 62 7.53 -15.99 -9.55
C LEU A 62 8.63 -17.04 -9.50
N VAL A 63 8.83 -17.62 -8.32
CA VAL A 63 9.81 -18.67 -8.13
C VAL A 63 9.14 -19.82 -7.39
N LYS A 64 9.73 -20.99 -7.52
CA LYS A 64 9.28 -22.16 -6.79
C LYS A 64 10.42 -22.65 -5.91
N HIS A 65 10.17 -22.75 -4.61
CA HIS A 65 11.17 -23.28 -3.70
C HIS A 65 11.33 -24.78 -3.95
N LYS A 66 12.58 -25.22 -4.18
CA LYS A 66 12.80 -26.59 -4.64
C LYS A 66 12.39 -27.60 -3.57
N GLU A 67 12.75 -27.35 -2.31
CA GLU A 67 12.54 -28.36 -1.27
C GLU A 67 11.06 -28.46 -0.87
N THR A 68 10.37 -27.32 -0.77
CA THR A 68 9.00 -27.33 -0.28
C THR A 68 7.97 -27.36 -1.41
N GLY A 69 8.33 -26.92 -2.61
CA GLY A 69 7.37 -26.81 -3.67
C GLY A 69 6.53 -25.55 -3.62
N ASN A 70 6.73 -24.72 -2.61
CA ASN A 70 5.95 -23.51 -2.45
C ASN A 70 6.39 -22.46 -3.47
N HIS A 71 5.41 -21.72 -3.99
CA HIS A 71 5.66 -20.56 -4.82
C HIS A 71 5.83 -19.30 -3.98
N TYR A 72 6.70 -18.40 -4.47
CA TYR A 72 6.98 -17.13 -3.83
C TYR A 72 7.20 -16.07 -4.90
N ALA A 73 7.13 -14.80 -4.50
CA ALA A 73 7.49 -13.67 -5.34
C ALA A 73 8.87 -13.17 -4.91
N MET A 74 9.86 -13.27 -5.79
CA MET A 74 11.23 -12.86 -5.48
C MET A 74 11.52 -11.51 -6.14
N LYS A 75 11.75 -10.49 -5.32
CA LYS A 75 12.16 -9.18 -5.80
C LYS A 75 13.68 -9.18 -5.91
N ILE A 76 14.18 -8.87 -7.11
CA ILE A 76 15.61 -8.89 -7.43
C ILE A 76 16.04 -7.47 -7.73
N LEU A 77 17.00 -6.96 -6.96
CA LEU A 77 17.56 -5.63 -7.17
C LEU A 77 19.04 -5.72 -7.55
N ASP A 78 19.43 -4.95 -8.56
CA ASP A 78 20.83 -4.85 -8.96
C ASP A 78 21.51 -3.80 -8.09
N LYS A 79 22.50 -4.23 -7.30
CA LYS A 79 23.13 -3.34 -6.33
C LYS A 79 23.71 -2.09 -6.99
N GLN A 80 24.39 -2.25 -8.12
CA GLN A 80 24.97 -1.08 -8.77
C GLN A 80 23.89 -0.13 -9.24
N LYS A 81 22.74 -0.65 -9.66
CA LYS A 81 21.65 0.19 -10.11
C LYS A 81 21.01 0.93 -8.94
N VAL A 82 20.83 0.23 -7.81
CA VAL A 82 20.33 0.88 -6.61
C VAL A 82 21.22 2.06 -6.21
N VAL A 83 22.54 1.86 -6.25
CA VAL A 83 23.46 2.95 -5.92
C VAL A 83 23.29 4.10 -6.91
N LYS A 84 23.30 3.79 -8.21
CA LYS A 84 23.19 4.84 -9.21
C LYS A 84 21.93 5.68 -8.99
N LEU A 85 20.82 5.03 -8.64
CA LEU A 85 19.55 5.71 -8.47
C LEU A 85 19.38 6.29 -7.08
N LYS A 86 20.41 6.24 -6.23
CA LYS A 86 20.37 6.86 -4.91
C LYS A 86 19.28 6.24 -4.03
N GLN A 87 19.15 4.91 -4.09
CA GLN A 87 18.10 4.20 -3.37
C GLN A 87 18.66 3.26 -2.30
N ILE A 88 19.91 3.45 -1.85
CA ILE A 88 20.49 2.57 -0.84
C ILE A 88 19.65 2.57 0.43
N GLU A 89 19.42 3.75 1.01
CA GLU A 89 18.72 3.81 2.29
C GLU A 89 17.30 3.26 2.17
N HIS A 90 16.59 3.61 1.09
CA HIS A 90 15.24 3.12 0.92
C HIS A 90 15.20 1.60 0.83
N THR A 91 16.14 1.00 0.11
CA THR A 91 16.16 -0.44 -0.07
C THR A 91 16.44 -1.15 1.26
N LEU A 92 17.43 -0.66 2.02
CA LEU A 92 17.69 -1.26 3.32
C LEU A 92 16.48 -1.10 4.23
N ASN A 93 15.85 0.07 4.18
CA ASN A 93 14.71 0.37 5.02
C ASN A 93 13.54 -0.55 4.68
N GLU A 94 13.30 -0.80 3.38
N GLU A 94 13.31 -0.77 3.38
CA GLU A 94 12.18 -1.66 3.01
CA GLU A 94 12.23 -1.65 2.93
C GLU A 94 12.35 -3.05 3.62
C GLU A 94 12.35 -3.02 3.57
N LYS A 95 13.55 -3.61 3.50
CA LYS A 95 13.75 -4.94 4.05
C LYS A 95 13.62 -4.94 5.57
N ARG A 96 14.16 -3.92 6.22
CA ARG A 96 14.08 -3.88 7.68
C ARG A 96 12.64 -3.78 8.17
N ILE A 97 11.83 -2.95 7.50
CA ILE A 97 10.41 -2.86 7.85
C ILE A 97 9.72 -4.19 7.60
N LEU A 98 9.93 -4.77 6.42
CA LEU A 98 9.21 -5.98 6.08
C LEU A 98 9.51 -7.12 7.05
N GLN A 99 10.75 -7.22 7.51
CA GLN A 99 11.05 -8.31 8.43
C GLN A 99 10.53 -8.06 9.84
N ALA A 100 10.16 -6.83 10.19
CA ALA A 100 9.75 -6.50 11.55
C ALA A 100 8.24 -6.41 11.75
N VAL A 101 7.47 -6.07 10.71
CA VAL A 101 6.01 -5.91 10.85
C VAL A 101 5.32 -7.27 10.80
N ASN A 102 4.07 -7.29 11.26
CA ASN A 102 3.26 -8.50 11.23
C ASN A 102 1.82 -8.07 11.29
N PHE A 103 1.09 -8.25 10.19
CA PHE A 103 -0.32 -7.84 10.13
C PHE A 103 -0.95 -8.59 8.95
N PRO A 104 -2.25 -8.92 9.02
CA PRO A 104 -2.81 -9.81 8.01
C PRO A 104 -2.87 -9.23 6.61
N PHE A 105 -2.73 -7.92 6.47
CA PHE A 105 -2.79 -7.25 5.16
C PHE A 105 -1.45 -6.70 4.72
N LEU A 106 -0.36 -7.06 5.40
CA LEU A 106 1.01 -6.69 5.01
C LEU A 106 1.72 -7.94 4.54
N VAL A 107 2.31 -7.86 3.34
CA VAL A 107 2.95 -9.04 2.77
C VAL A 107 4.07 -9.54 3.67
N LYS A 108 4.23 -10.85 3.69
CA LYS A 108 5.23 -11.47 4.53
C LYS A 108 6.51 -11.77 3.75
N LEU A 109 7.61 -11.28 4.28
CA LEU A 109 8.91 -11.61 3.75
C LEU A 109 9.32 -12.96 4.33
N GLU A 110 9.54 -13.94 3.47
CA GLU A 110 9.89 -15.28 3.93
C GLU A 110 11.39 -15.52 3.93
N PHE A 111 12.13 -14.93 2.98
CA PHE A 111 13.58 -15.08 2.95
C PHE A 111 14.20 -13.81 2.39
N SER A 112 15.46 -13.58 2.73
CA SER A 112 16.24 -12.54 2.07
C SER A 112 17.69 -13.01 2.00
N PHE A 113 18.39 -12.56 0.97
CA PHE A 113 19.80 -12.90 0.77
C PHE A 113 20.37 -11.98 -0.30
N LYS A 114 21.68 -12.02 -0.46
CA LYS A 114 22.34 -11.23 -1.50
C LYS A 114 23.47 -12.06 -2.08
N ASP A 115 23.97 -11.62 -3.23
CA ASP A 115 25.15 -12.25 -3.84
C ASP A 115 26.04 -11.15 -4.38
N ASN A 116 27.01 -11.52 -5.23
CA ASN A 116 27.96 -10.53 -5.73
C ASN A 116 27.26 -9.35 -6.40
N SER A 117 26.17 -9.60 -7.11
CA SER A 117 25.57 -8.57 -7.95
C SER A 117 24.26 -8.03 -7.44
N ASN A 118 23.46 -8.85 -6.76
CA ASN A 118 22.05 -8.54 -6.54
C ASN A 118 21.65 -8.67 -5.08
N LEU A 119 20.51 -8.06 -4.75
CA LEU A 119 19.79 -8.25 -3.51
C LEU A 119 18.49 -8.99 -3.81
N TYR A 120 18.07 -9.84 -2.88
CA TYR A 120 16.88 -10.67 -3.07
C TYR A 120 15.98 -10.61 -1.85
N MET A 121 14.70 -10.30 -2.08
CA MET A 121 13.67 -10.39 -1.04
C MET A 121 12.59 -11.34 -1.55
N VAL A 122 12.36 -12.42 -0.81
CA VAL A 122 11.44 -13.47 -1.22
C VAL A 122 10.20 -13.34 -0.36
N MET A 123 9.09 -12.99 -0.98
N MET A 123 9.10 -12.93 -0.98
CA MET A 123 7.86 -12.71 -0.26
CA MET A 123 7.82 -12.66 -0.33
C MET A 123 6.79 -13.70 -0.69
C MET A 123 6.85 -13.81 -0.62
N GLU A 124 5.78 -13.87 0.17
CA GLU A 124 4.66 -14.71 -0.21
C GLU A 124 4.15 -14.24 -1.56
N TYR A 125 3.77 -15.19 -2.39
CA TYR A 125 3.19 -14.90 -3.69
C TYR A 125 1.72 -14.55 -3.51
N VAL A 126 1.34 -13.38 -3.99
CA VAL A 126 -0.03 -12.89 -3.89
C VAL A 126 -0.66 -12.97 -5.27
N PRO A 127 -1.51 -13.98 -5.52
CA PRO A 127 -1.77 -14.37 -6.92
C PRO A 127 -2.85 -13.57 -7.62
N GLY A 128 -3.59 -12.74 -6.90
CA GLY A 128 -4.76 -12.11 -7.47
C GLY A 128 -4.51 -10.89 -8.32
N GLY A 129 -3.28 -10.40 -8.41
CA GLY A 129 -2.99 -9.24 -9.23
C GLY A 129 -3.10 -7.94 -8.47
N GLU A 130 -2.77 -6.86 -9.17
CA GLU A 130 -2.88 -5.52 -8.63
C GLU A 130 -4.34 -5.08 -8.61
N MET A 131 -4.72 -4.39 -7.53
CA MET A 131 -6.03 -3.75 -7.54
C MET A 131 -6.21 -2.90 -8.79
N PHE A 132 -5.15 -2.20 -9.19
CA PHE A 132 -5.21 -1.34 -10.37
C PHE A 132 -5.83 -2.05 -11.58
N SER A 133 -5.37 -3.26 -11.89
N SER A 133 -5.38 -3.26 -11.88
CA SER A 133 -5.87 -3.98 -13.06
CA SER A 133 -5.87 -3.96 -13.07
C SER A 133 -7.37 -4.23 -12.95
C SER A 133 -7.36 -4.26 -12.96
N HIS A 134 -7.80 -4.72 -11.79
CA HIS A 134 -9.22 -5.03 -11.61
C HIS A 134 -10.06 -3.78 -11.67
N LEU A 135 -9.56 -2.68 -11.11
CA LEU A 135 -10.32 -1.44 -11.10
C LEU A 135 -10.49 -0.91 -12.52
N ARG A 136 -9.41 -0.90 -13.30
CA ARG A 136 -9.52 -0.42 -14.67
C ARG A 136 -10.41 -1.33 -15.52
N ARG A 137 -10.37 -2.64 -15.27
N ARG A 137 -10.35 -2.64 -15.28
CA ARG A 137 -11.18 -3.58 -16.04
CA ARG A 137 -11.17 -3.59 -16.03
C ARG A 137 -12.66 -3.48 -15.69
C ARG A 137 -12.65 -3.43 -15.68
N ILE A 138 -12.97 -3.49 -14.39
CA ILE A 138 -14.36 -3.41 -13.94
C ILE A 138 -14.90 -2.01 -14.15
N GLY A 139 -14.04 -0.99 -14.10
CA GLY A 139 -14.42 0.38 -14.28
C GLY A 139 -14.45 1.12 -12.96
N ARG A 140 -15.31 0.67 -12.06
N ARG A 140 -15.35 0.71 -12.08
CA ARG A 140 -15.34 1.21 -10.70
CA ARG A 140 -15.41 1.23 -10.72
C ARG A 140 -15.98 0.16 -9.81
C ARG A 140 -15.92 0.11 -9.83
N PHE A 141 -15.68 0.24 -8.53
CA PHE A 141 -16.19 -0.69 -7.54
C PHE A 141 -17.45 -0.09 -6.90
N SER A 142 -18.42 -0.94 -6.61
CA SER A 142 -19.58 -0.52 -5.82
C SER A 142 -19.10 0.03 -4.47
N GLU A 143 -19.96 0.80 -3.80
CA GLU A 143 -19.57 1.30 -2.49
C GLU A 143 -19.30 0.17 -1.50
N PRO A 144 -20.10 -0.90 -1.45
CA PRO A 144 -19.71 -2.00 -0.54
C PRO A 144 -18.36 -2.62 -0.87
N HIS A 145 -18.06 -2.76 -2.16
CA HIS A 145 -16.78 -3.34 -2.58
C HIS A 145 -15.62 -2.43 -2.21
N ALA A 146 -15.75 -1.14 -2.54
CA ALA A 146 -14.75 -0.15 -2.14
C ALA A 146 -14.57 -0.11 -0.61
N ARG A 147 -15.68 -0.19 0.13
CA ARG A 147 -15.64 -0.14 1.59
C ARG A 147 -14.88 -1.32 2.17
N PHE A 148 -15.08 -2.53 1.62
CA PHE A 148 -14.36 -3.71 2.07
C PHE A 148 -12.85 -3.51 1.99
N TYR A 149 -12.36 -2.98 0.85
CA TYR A 149 -10.94 -2.67 0.72
C TYR A 149 -10.53 -1.52 1.63
N ALA A 150 -11.33 -0.45 1.69
CA ALA A 150 -10.98 0.70 2.49
C ALA A 150 -10.81 0.32 3.95
N ALA A 151 -11.68 -0.56 4.45
CA ALA A 151 -11.59 -0.95 5.86
C ALA A 151 -10.25 -1.60 6.15
N GLN A 152 -9.76 -2.42 5.22
CA GLN A 152 -8.47 -3.05 5.40
C GLN A 152 -7.33 -2.03 5.43
N ILE A 153 -7.44 -0.99 4.60
CA ILE A 153 -6.42 0.06 4.63
C ILE A 153 -6.49 0.84 5.94
N VAL A 154 -7.71 1.15 6.41
CA VAL A 154 -7.85 1.85 7.68
C VAL A 154 -7.16 1.07 8.79
N LEU A 155 -7.42 -0.25 8.89
CA LEU A 155 -6.80 -1.05 9.95
C LEU A 155 -5.29 -1.12 9.77
N THR A 156 -4.82 -1.22 8.53
CA THR A 156 -3.39 -1.33 8.26
C THR A 156 -2.67 -0.04 8.64
N PHE A 157 -3.25 1.12 8.30
CA PHE A 157 -2.67 2.40 8.71
C PHE A 157 -2.77 2.58 10.23
N GLU A 158 -3.87 2.14 10.84
CA GLU A 158 -3.93 2.23 12.31
C GLU A 158 -2.77 1.46 12.93
N TYR A 159 -2.47 0.28 12.40
CA TYR A 159 -1.33 -0.51 12.85
C TYR A 159 -0.01 0.21 12.56
N LEU A 160 0.22 0.61 11.30
CA LEU A 160 1.50 1.22 10.97
C LEU A 160 1.72 2.50 11.77
N HIS A 161 0.70 3.35 11.88
CA HIS A 161 0.87 4.61 12.58
C HIS A 161 1.18 4.39 14.05
N SER A 162 0.65 3.32 14.64
CA SER A 162 0.98 3.01 16.03
C SER A 162 2.45 2.69 16.20
N LEU A 163 3.11 2.25 15.14
CA LEU A 163 4.53 1.97 15.12
C LEU A 163 5.34 3.18 14.69
N ASP A 164 4.69 4.32 14.53
CA ASP A 164 5.30 5.56 14.03
C ASP A 164 5.78 5.44 12.59
N LEU A 165 5.20 4.56 11.80
CA LEU A 165 5.52 4.45 10.38
C LEU A 165 4.53 5.26 9.56
N ILE A 166 5.04 6.20 8.78
CA ILE A 166 4.26 6.87 7.73
C ILE A 166 4.45 6.07 6.46
N TYR A 167 3.35 5.78 5.77
CA TYR A 167 3.41 4.84 4.65
C TYR A 167 3.80 5.52 3.32
N ARG A 168 3.05 6.54 2.91
CA ARG A 168 3.41 7.46 1.83
C ARG A 168 3.39 6.87 0.42
N ASP A 169 2.95 5.63 0.21
CA ASP A 169 3.02 5.03 -1.12
C ASP A 169 1.70 4.39 -1.52
N LEU A 170 0.57 4.87 -0.99
CA LEU A 170 -0.74 4.28 -1.30
C LEU A 170 -1.20 4.63 -2.69
N LYS A 171 -1.67 3.63 -3.43
CA LYS A 171 -2.32 3.77 -4.72
C LYS A 171 -2.73 2.38 -5.18
N PRO A 172 -3.69 2.25 -6.11
CA PRO A 172 -4.12 0.91 -6.54
C PRO A 172 -3.01 0.06 -7.16
N GLU A 173 -2.01 0.69 -7.77
CA GLU A 173 -0.86 -0.01 -8.32
C GLU A 173 -0.04 -0.72 -7.25
N ASN A 174 -0.18 -0.31 -5.99
CA ASN A 174 0.64 -0.84 -4.90
C ASN A 174 -0.18 -1.70 -3.94
N LEU A 175 -1.35 -2.15 -4.34
CA LEU A 175 -2.19 -3.01 -3.53
C LEU A 175 -2.47 -4.27 -4.32
N LEU A 176 -2.14 -5.41 -3.76
CA LEU A 176 -2.39 -6.69 -4.41
C LEU A 176 -3.59 -7.36 -3.77
N ILE A 177 -4.22 -8.25 -4.54
CA ILE A 177 -5.38 -9.00 -4.06
C ILE A 177 -4.97 -10.45 -3.92
N ASP A 178 -5.24 -11.03 -2.74
CA ASP A 178 -4.84 -12.41 -2.47
C ASP A 178 -5.93 -13.39 -2.90
N GLN A 179 -5.68 -14.67 -2.67
CA GLN A 179 -6.59 -15.70 -3.18
C GLN A 179 -7.97 -15.60 -2.53
N GLN A 180 -8.05 -15.06 -1.32
CA GLN A 180 -9.34 -14.91 -0.66
C GLN A 180 -9.99 -13.56 -0.93
N GLY A 181 -9.37 -12.72 -1.77
CA GLY A 181 -9.96 -11.44 -2.10
C GLY A 181 -9.59 -10.31 -1.18
N TYR A 182 -8.69 -10.53 -0.23
CA TYR A 182 -8.23 -9.50 0.69
C TYR A 182 -6.98 -8.81 0.14
N ILE A 183 -6.68 -7.66 0.71
N ILE A 183 -6.67 -7.64 0.71
CA ILE A 183 -5.58 -6.82 0.25
CA ILE A 183 -5.59 -6.77 0.24
C ILE A 183 -4.27 -7.25 0.87
C ILE A 183 -4.28 -7.18 0.87
N GLN A 184 -3.21 -7.09 0.07
CA GLN A 184 -1.83 -7.17 0.55
C GLN A 184 -1.10 -5.89 0.16
N VAL A 185 -0.52 -5.22 1.16
CA VAL A 185 0.37 -4.08 0.97
C VAL A 185 1.82 -4.60 0.93
N THR A 186 2.59 -4.22 -0.11
CA THR A 186 3.89 -4.83 -0.37
C THR A 186 5.09 -3.87 -0.33
N ASP A 187 4.88 -2.59 -0.65
CA ASP A 187 5.97 -1.66 -0.90
C ASP A 187 6.23 -0.78 0.32
N PHE A 188 7.47 -0.78 0.79
CA PHE A 188 7.82 -0.09 2.02
C PHE A 188 9.08 0.76 1.91
N GLY A 189 9.66 0.89 0.72
CA GLY A 189 10.88 1.66 0.58
C GLY A 189 10.71 3.10 1.01
N PHE A 190 9.55 3.68 0.76
CA PHE A 190 9.30 5.09 1.05
C PHE A 190 8.61 5.30 2.38
N ALA A 191 8.32 4.24 3.11
CA ALA A 191 7.82 4.38 4.46
C ALA A 191 8.93 4.91 5.34
N LYS A 192 8.56 5.66 6.38
CA LYS A 192 9.56 6.23 7.28
C LYS A 192 9.05 6.12 8.71
N ARG A 193 9.92 5.69 9.60
CA ARG A 193 9.56 5.60 11.01
C ARG A 193 9.97 6.92 11.66
N VAL A 194 9.01 7.82 11.86
CA VAL A 194 9.25 9.07 12.59
C VAL A 194 8.02 9.43 13.40
N LYS A 195 8.26 9.93 14.61
CA LYS A 195 7.16 10.28 15.52
C LYS A 195 6.56 11.65 15.22
N GLY A 196 7.34 12.53 14.63
CA GLY A 196 6.88 13.90 14.40
C GLY A 196 6.68 14.23 12.93
N ARG A 197 7.45 15.19 12.46
CA ARG A 197 7.36 15.66 11.09
C ARG A 197 8.49 15.11 10.22
N THR A 198 8.24 15.11 8.92
CA THR A 198 9.26 14.82 7.93
C THR A 198 9.01 15.70 6.73
N TRP A 199 9.99 15.77 5.81
CA TRP A 199 9.97 16.77 4.74
C TRP A 199 10.17 16.28 3.30
N TPO A 200 10.41 14.99 3.07
CA TPO A 200 10.77 14.56 1.72
CB TPO A 200 11.30 13.12 1.72
CG2 TPO A 200 11.87 12.74 0.36
OG1 TPO A 200 12.36 13.01 2.66
P TPO A 200 12.09 12.05 3.92
O1P TPO A 200 13.26 12.34 4.92
O2P TPO A 200 12.08 10.63 3.48
O3P TPO A 200 10.71 12.47 4.55
C TPO A 200 9.60 14.67 0.75
O TPO A 200 8.48 14.24 1.03
H TPO A 200 10.37 14.36 3.66
HA TPO A 200 11.48 15.13 1.38
HB TPO A 200 10.49 12.43 1.99
HG21 TPO A 200 12.23 11.71 0.39
HG22 TPO A 200 12.69 13.40 0.10
HG23 TPO A 200 11.09 12.81 -0.40
N LEU A 201 9.88 15.21 -0.43
CA LEU A 201 8.91 15.16 -1.52
C LEU A 201 8.97 13.78 -2.15
N CYS A 202 7.96 12.97 -1.89
CA CYS A 202 7.91 11.64 -2.45
C CYS A 202 6.47 11.18 -2.56
N GLY A 203 6.21 10.30 -3.51
CA GLY A 203 4.90 9.77 -3.74
C GLY A 203 4.51 9.92 -5.19
N THR A 204 3.21 9.78 -5.45
CA THR A 204 2.69 9.79 -6.80
C THR A 204 1.74 10.98 -6.91
N PRO A 205 1.81 11.76 -8.00
CA PRO A 205 1.13 13.07 -8.00
C PRO A 205 -0.33 13.02 -7.55
N GLU A 206 -1.14 12.11 -8.10
CA GLU A 206 -2.57 12.07 -7.79
C GLU A 206 -2.84 11.84 -6.31
N TYR A 207 -1.90 11.22 -5.60
CA TYR A 207 -2.11 10.82 -4.22
C TYR A 207 -1.39 11.72 -3.21
N LEU A 208 -0.72 12.78 -3.67
CA LEU A 208 0.02 13.65 -2.75
C LEU A 208 -0.91 14.56 -1.98
N ALA A 209 -0.70 14.63 -0.67
CA ALA A 209 -1.40 15.58 0.17
C ALA A 209 -0.92 17.00 -0.12
N PRO A 210 -1.76 18.00 0.12
CA PRO A 210 -1.34 19.38 -0.19
C PRO A 210 -0.08 19.79 0.55
N GLU A 211 0.06 19.36 1.80
CA GLU A 211 1.20 19.81 2.57
C GLU A 211 2.51 19.25 2.02
N ILE A 212 2.48 18.11 1.32
CA ILE A 212 3.68 17.63 0.64
C ILE A 212 3.99 18.54 -0.55
N ILE A 213 2.98 18.80 -1.38
CA ILE A 213 3.15 19.66 -2.56
C ILE A 213 3.69 21.02 -2.17
N LEU A 214 3.21 21.59 -1.07
CA LEU A 214 3.57 22.93 -0.64
C LEU A 214 4.87 22.95 0.12
N SER A 215 5.61 21.85 0.13
CA SER A 215 6.95 21.83 0.71
C SER A 215 6.90 22.19 2.18
N LYS A 216 5.87 21.71 2.85
CA LYS A 216 5.79 21.86 4.29
C LYS A 216 6.34 20.60 4.95
N GLY A 217 6.71 20.75 6.22
CA GLY A 217 6.84 19.58 7.06
C GLY A 217 5.47 18.93 7.21
N TYR A 218 5.44 17.61 7.24
CA TYR A 218 4.17 16.90 7.28
C TYR A 218 4.29 15.68 8.18
N ASN A 219 3.13 15.09 8.48
CA ASN A 219 3.05 13.97 9.40
C ASN A 219 2.17 12.86 8.85
N LYS A 220 1.78 11.91 9.70
CA LYS A 220 1.02 10.75 9.26
C LYS A 220 -0.33 11.11 8.66
N ALA A 221 -0.82 12.34 8.83
CA ALA A 221 -2.08 12.72 8.20
C ALA A 221 -2.04 12.64 6.68
N VAL A 222 -0.84 12.63 6.06
CA VAL A 222 -0.77 12.48 4.61
C VAL A 222 -1.33 11.13 4.18
N ASP A 223 -1.20 10.11 5.03
CA ASP A 223 -1.76 8.81 4.70
C ASP A 223 -3.29 8.82 4.71
N TRP A 224 -3.90 9.62 5.59
CA TRP A 224 -5.35 9.69 5.62
C TRP A 224 -5.90 10.48 4.43
N TRP A 225 -5.18 11.52 4.00
CA TRP A 225 -5.49 12.15 2.73
C TRP A 225 -5.44 11.12 1.60
N ALA A 226 -4.35 10.34 1.53
CA ALA A 226 -4.21 9.37 0.46
C ALA A 226 -5.32 8.33 0.49
N LEU A 227 -5.77 7.93 1.69
CA LEU A 227 -6.93 7.05 1.78
C LEU A 227 -8.14 7.67 1.11
N GLY A 228 -8.38 8.97 1.34
CA GLY A 228 -9.46 9.64 0.66
C GLY A 228 -9.34 9.55 -0.86
N VAL A 229 -8.14 9.77 -1.38
CA VAL A 229 -7.92 9.63 -2.83
C VAL A 229 -8.26 8.22 -3.28
N LEU A 230 -7.78 7.21 -2.55
CA LEU A 230 -8.02 5.81 -2.90
C LEU A 230 -9.49 5.47 -2.89
N ILE A 231 -10.20 5.87 -1.83
CA ILE A 231 -11.62 5.55 -1.75
C ILE A 231 -12.36 6.20 -2.91
N TYR A 232 -12.07 7.47 -3.18
CA TYR A 232 -12.66 8.15 -4.32
C TYR A 232 -12.38 7.40 -5.61
N GLU A 233 -11.11 7.05 -5.86
CA GLU A 233 -10.79 6.38 -7.13
C GLU A 233 -11.46 5.01 -7.23
N MET A 234 -11.50 4.26 -6.13
CA MET A 234 -12.18 2.97 -6.16
C MET A 234 -13.64 3.12 -6.51
N ALA A 235 -14.31 4.12 -5.93
CA ALA A 235 -15.76 4.24 -6.10
C ALA A 235 -16.14 4.98 -7.38
N ALA A 236 -15.27 5.86 -7.89
CA ALA A 236 -15.57 6.60 -9.12
C ALA A 236 -14.98 5.96 -10.36
N GLY A 237 -13.85 5.26 -10.22
CA GLY A 237 -13.08 4.75 -11.34
C GLY A 237 -12.00 5.67 -11.84
N TYR A 238 -11.92 6.88 -11.28
CA TYR A 238 -10.90 7.86 -11.61
C TYR A 238 -10.64 8.65 -10.33
N PRO A 239 -9.45 9.23 -10.18
CA PRO A 239 -9.12 9.91 -8.93
C PRO A 239 -9.73 11.30 -8.88
N PRO A 240 -9.74 11.91 -7.69
CA PRO A 240 -10.40 13.22 -7.54
C PRO A 240 -9.67 14.35 -8.23
N PHE A 241 -8.35 14.26 -8.39
CA PHE A 241 -7.55 15.32 -8.99
C PHE A 241 -6.70 14.73 -10.11
N PHE A 242 -6.95 15.12 -11.34
CA PHE A 242 -6.17 14.66 -12.47
C PHE A 242 -6.10 15.78 -13.50
N ALA A 243 -5.12 15.68 -14.39
CA ALA A 243 -4.82 16.66 -15.43
C ALA A 243 -3.73 16.05 -16.30
N ASP A 244 -3.38 16.75 -17.39
CA ASP A 244 -2.37 16.24 -18.31
C ASP A 244 -1.00 16.15 -17.66
N GLN A 245 -0.68 17.11 -16.79
CA GLN A 245 0.66 17.20 -16.25
C GLN A 245 0.61 17.36 -14.74
N PRO A 246 1.60 16.82 -14.02
CA PRO A 246 1.59 16.93 -12.55
C PRO A 246 1.36 18.34 -12.01
N ILE A 247 1.98 19.36 -12.59
CA ILE A 247 1.78 20.72 -12.07
C ILE A 247 0.30 21.08 -12.00
N GLN A 248 -0.48 20.75 -13.03
CA GLN A 248 -1.91 21.07 -12.96
C GLN A 248 -2.63 20.22 -11.93
N ILE A 249 -2.19 18.97 -11.73
CA ILE A 249 -2.75 18.15 -10.66
C ILE A 249 -2.53 18.81 -9.32
N TYR A 250 -1.31 19.30 -9.07
CA TYR A 250 -1.00 19.94 -7.80
C TYR A 250 -1.86 21.17 -7.55
N GLU A 251 -2.13 21.96 -8.59
CA GLU A 251 -2.98 23.14 -8.41
C GLU A 251 -4.37 22.73 -7.94
N LYS A 252 -4.91 21.64 -8.50
CA LYS A 252 -6.23 21.18 -8.08
C LYS A 252 -6.20 20.66 -6.66
N ILE A 253 -5.17 19.89 -6.30
CA ILE A 253 -5.06 19.33 -4.94
C ILE A 253 -5.08 20.45 -3.92
N VAL A 254 -4.29 21.50 -4.13
N VAL A 254 -4.29 21.50 -4.14
CA VAL A 254 -4.18 22.52 -3.09
CA VAL A 254 -4.13 22.56 -3.16
C VAL A 254 -5.37 23.47 -3.07
C VAL A 254 -5.38 23.44 -3.07
N SER A 255 -6.21 23.46 -4.11
CA SER A 255 -7.33 24.41 -4.21
C SER A 255 -8.41 24.27 -3.14
N GLY A 256 -8.55 23.12 -2.50
CA GLY A 256 -9.63 22.92 -1.56
C GLY A 256 -10.97 22.58 -2.19
N LYS A 257 -11.01 22.34 -3.50
CA LYS A 257 -12.21 21.97 -4.23
C LYS A 257 -12.10 20.52 -4.69
N VAL A 258 -13.18 19.78 -4.51
CA VAL A 258 -13.33 18.43 -5.03
C VAL A 258 -14.78 18.27 -5.48
N ARG A 259 -14.98 17.57 -6.59
CA ARG A 259 -16.30 17.30 -7.13
C ARG A 259 -16.50 15.79 -7.18
N PHE A 260 -17.75 15.36 -7.09
CA PHE A 260 -18.11 13.96 -6.93
C PHE A 260 -19.08 13.51 -8.01
N PRO A 261 -18.97 12.25 -8.46
CA PRO A 261 -19.99 11.68 -9.33
C PRO A 261 -21.36 11.71 -8.66
N SER A 262 -22.43 11.82 -9.47
CA SER A 262 -23.76 11.87 -8.89
C SER A 262 -24.16 10.57 -8.22
N HIS A 263 -23.49 9.47 -8.52
CA HIS A 263 -23.86 8.20 -7.89
C HIS A 263 -23.24 8.01 -6.50
N PHE A 264 -22.31 8.87 -6.08
CA PHE A 264 -21.77 8.77 -4.73
C PHE A 264 -22.87 9.04 -3.70
N SER A 265 -22.96 8.20 -2.69
CA SER A 265 -23.87 8.46 -1.58
C SER A 265 -23.45 9.71 -0.80
N SER A 266 -24.41 10.29 -0.09
N SER A 266 -24.42 10.29 -0.12
CA SER A 266 -24.09 11.43 0.75
CA SER A 266 -24.11 11.42 0.76
C SER A 266 -23.12 11.05 1.87
C SER A 266 -23.11 11.02 1.83
N ASP A 267 -23.25 9.82 2.41
CA ASP A 267 -22.31 9.39 3.42
C ASP A 267 -20.89 9.34 2.87
N LEU A 268 -20.74 8.82 1.65
CA LEU A 268 -19.41 8.76 1.05
C LEU A 268 -18.84 10.17 0.83
N LYS A 269 -19.65 11.07 0.28
CA LYS A 269 -19.16 12.43 0.05
C LYS A 269 -18.75 13.09 1.36
N ASP A 270 -19.51 12.87 2.44
CA ASP A 270 -19.14 13.47 3.71
C ASP A 270 -17.80 12.93 4.20
N LEU A 271 -17.60 11.60 4.13
CA LEU A 271 -16.34 11.03 4.54
C LEU A 271 -15.20 11.63 3.70
N LEU A 272 -15.40 11.69 2.39
CA LEU A 272 -14.32 12.16 1.50
C LEU A 272 -14.01 13.63 1.73
N ARG A 273 -15.02 14.47 2.01
CA ARG A 273 -14.71 15.87 2.30
C ARG A 273 -13.88 16.01 3.57
N ASN A 274 -14.04 15.08 4.52
CA ASN A 274 -13.28 15.14 5.75
C ASN A 274 -11.90 14.50 5.64
N LEU A 275 -11.69 13.57 4.69
CA LEU A 275 -10.36 13.04 4.43
C LEU A 275 -9.57 13.93 3.47
N LEU A 276 -10.22 14.40 2.41
CA LEU A 276 -9.63 15.30 1.44
C LEU A 276 -9.75 16.74 1.89
N GLN A 277 -9.38 16.97 3.15
CA GLN A 277 -9.46 18.25 3.82
C GLN A 277 -8.08 18.90 3.76
N VAL A 278 -7.97 20.03 3.06
CA VAL A 278 -6.68 20.72 2.97
C VAL A 278 -6.21 21.24 4.32
N ASP A 279 -7.14 21.66 5.18
CA ASP A 279 -6.86 22.24 6.48
C ASP A 279 -6.53 21.11 7.44
N LEU A 280 -5.26 21.00 7.82
CA LEU A 280 -4.84 19.92 8.70
C LEU A 280 -5.56 19.96 10.04
N THR A 281 -6.02 21.13 10.47
CA THR A 281 -6.70 21.19 11.76
C THR A 281 -8.09 20.58 11.71
N LYS A 282 -8.53 20.16 10.52
CA LYS A 282 -9.86 19.64 10.34
C LYS A 282 -9.87 18.25 9.72
N ARG A 283 -8.72 17.71 9.31
CA ARG A 283 -8.70 16.47 8.55
C ARG A 283 -8.92 15.26 9.46
N PHE A 284 -9.86 14.41 9.06
CA PHE A 284 -10.08 13.17 9.80
C PHE A 284 -8.82 12.31 9.80
N GLY A 285 -8.58 11.67 10.93
CA GLY A 285 -7.35 10.98 11.19
C GLY A 285 -6.30 11.85 11.84
N ASN A 286 -6.50 13.18 11.86
CA ASN A 286 -5.55 14.12 12.45
C ASN A 286 -6.12 14.88 13.63
N LEU A 287 -7.29 14.49 14.14
CA LEU A 287 -7.96 15.22 15.22
C LEU A 287 -7.76 14.49 16.54
N LYS A 288 -8.31 15.08 17.61
CA LYS A 288 -8.15 14.49 18.94
C LYS A 288 -8.62 13.05 18.99
N ASN A 289 -9.71 12.74 18.28
N ASN A 289 -9.72 12.72 18.29
CA ASN A 289 -10.33 11.42 18.25
CA ASN A 289 -10.25 11.36 18.33
C ASN A 289 -9.58 10.45 17.34
C ASN A 289 -9.55 10.42 17.36
N GLY A 290 -8.54 10.89 16.66
CA GLY A 290 -7.69 9.99 15.88
C GLY A 290 -8.44 9.19 14.84
N VAL A 291 -8.09 7.90 14.74
N VAL A 291 -8.08 7.91 14.72
CA VAL A 291 -8.66 7.03 13.72
CA VAL A 291 -8.68 7.08 13.68
C VAL A 291 -10.14 6.80 13.97
C VAL A 291 -10.15 6.82 13.96
N ASN A 292 -10.61 7.05 15.19
CA ASN A 292 -12.01 6.78 15.51
C ASN A 292 -12.97 7.65 14.70
N ASP A 293 -12.54 8.85 14.30
CA ASP A 293 -13.41 9.67 13.46
C ASP A 293 -13.70 8.99 12.14
N ILE A 294 -12.74 8.21 11.64
CA ILE A 294 -12.92 7.47 10.41
C ILE A 294 -13.74 6.21 10.67
N LYS A 295 -13.31 5.40 11.65
CA LYS A 295 -13.94 4.11 11.88
C LYS A 295 -15.39 4.26 12.29
N ASN A 296 -15.74 5.36 12.94
CA ASN A 296 -17.10 5.55 13.43
C ASN A 296 -17.95 6.39 12.47
N HIS A 297 -17.43 6.72 11.30
CA HIS A 297 -18.19 7.49 10.34
C HIS A 297 -19.35 6.66 9.79
N LYS A 298 -20.45 7.34 9.47
CA LYS A 298 -21.62 6.67 8.91
C LYS A 298 -21.31 5.76 7.71
N TRP A 299 -20.37 6.15 6.85
CA TRP A 299 -20.10 5.30 5.68
C TRP A 299 -19.62 3.92 6.09
N PHE A 300 -18.98 3.81 7.26
CA PHE A 300 -18.48 2.54 7.75
C PHE A 300 -19.41 1.89 8.78
N ALA A 301 -20.67 2.33 8.89
CA ALA A 301 -21.52 1.82 9.96
C ALA A 301 -21.78 0.33 9.83
N THR A 302 -21.77 -0.22 8.62
CA THR A 302 -21.97 -1.65 8.43
C THR A 302 -20.69 -2.47 8.54
N THR A 303 -19.55 -1.82 8.76
CA THR A 303 -18.27 -2.53 8.81
C THR A 303 -18.07 -3.14 10.19
N ASP A 304 -17.82 -4.43 10.23
CA ASP A 304 -17.46 -5.16 11.45
C ASP A 304 -15.94 -5.24 11.44
N TRP A 305 -15.30 -4.31 12.16
CA TRP A 305 -13.86 -4.15 12.09
C TRP A 305 -13.12 -5.41 12.52
N ILE A 306 -13.60 -6.08 13.57
CA ILE A 306 -12.93 -7.29 14.02
C ILE A 306 -13.08 -8.39 12.98
N ALA A 307 -14.26 -8.51 12.38
CA ALA A 307 -14.45 -9.55 11.36
C ALA A 307 -13.55 -9.31 10.15
N ILE A 308 -13.31 -8.05 9.78
CA ILE A 308 -12.36 -7.77 8.69
C ILE A 308 -10.97 -8.22 9.10
N TYR A 309 -10.52 -7.80 10.29
CA TYR A 309 -9.21 -8.23 10.80
C TYR A 309 -9.07 -9.75 10.82
N GLN A 310 -10.09 -10.46 11.29
CA GLN A 310 -10.07 -11.90 11.35
C GLN A 310 -10.26 -12.58 9.99
N ARG A 311 -10.52 -11.80 8.96
CA ARG A 311 -10.70 -12.30 7.59
C ARG A 311 -11.90 -13.21 7.49
N LYS A 312 -12.94 -12.91 8.26
CA LYS A 312 -14.16 -13.70 8.27
C LYS A 312 -15.26 -13.11 7.42
N VAL A 313 -15.04 -11.97 6.81
CA VAL A 313 -16.01 -11.38 5.90
C VAL A 313 -15.82 -11.99 4.52
N GLU A 314 -16.92 -12.33 3.86
CA GLU A 314 -16.82 -12.84 2.50
C GLU A 314 -16.44 -11.70 1.56
N ALA A 315 -15.40 -11.90 0.77
CA ALA A 315 -14.97 -10.81 -0.10
C ALA A 315 -15.96 -10.62 -1.24
N PRO A 316 -16.11 -9.40 -1.72
CA PRO A 316 -17.04 -9.15 -2.84
C PRO A 316 -16.53 -9.64 -4.17
N PHE A 317 -15.23 -9.94 -4.28
CA PHE A 317 -14.60 -10.28 -5.54
C PHE A 317 -13.47 -11.26 -5.25
N ILE A 318 -13.49 -12.40 -5.92
CA ILE A 318 -12.45 -13.43 -5.80
C ILE A 318 -11.74 -13.50 -7.14
N PRO A 319 -10.45 -13.18 -7.23
CA PRO A 319 -9.74 -13.29 -8.51
C PRO A 319 -9.69 -14.73 -9.02
N LYS A 320 -9.57 -14.84 -10.33
CA LYS A 320 -9.37 -16.15 -10.96
C LYS A 320 -8.13 -16.82 -10.39
N PHE A 321 -8.23 -18.13 -10.16
CA PHE A 321 -7.13 -18.88 -9.57
C PHE A 321 -7.23 -20.32 -10.03
N LYS A 322 -6.28 -20.76 -10.86
CA LYS A 322 -6.30 -22.10 -11.41
C LYS A 322 -5.40 -23.07 -10.65
N GLY A 323 -4.64 -22.58 -9.67
CA GLY A 323 -3.75 -23.41 -8.90
C GLY A 323 -2.53 -22.62 -8.46
N PRO A 324 -1.70 -23.20 -7.60
CA PRO A 324 -0.45 -22.51 -7.26
C PRO A 324 0.32 -22.22 -8.55
N GLY A 325 1.08 -21.15 -8.51
CA GLY A 325 1.83 -20.76 -9.69
C GLY A 325 1.02 -20.13 -10.81
N ASP A 326 -0.29 -20.01 -10.68
CA ASP A 326 -1.07 -19.28 -11.68
C ASP A 326 -0.61 -17.83 -11.71
N THR A 327 -0.23 -17.35 -12.89
CA THR A 327 0.23 -15.98 -13.08
C THR A 327 -0.71 -15.15 -13.96
N SER A 328 -1.92 -15.64 -14.22
CA SER A 328 -2.79 -15.01 -15.21
C SER A 328 -3.26 -13.62 -14.80
N ASN A 329 -3.21 -13.27 -13.52
CA ASN A 329 -3.66 -11.97 -13.08
C ASN A 329 -2.57 -10.91 -13.13
N PHE A 330 -1.38 -11.26 -13.58
CA PHE A 330 -0.30 -10.30 -13.81
C PHE A 330 0.00 -10.22 -15.30
N ASP A 331 0.69 -9.15 -15.66
N ASP A 331 0.64 -9.14 -15.71
CA ASP A 331 1.06 -8.90 -17.04
CA ASP A 331 0.91 -9.01 -17.13
C ASP A 331 2.20 -9.82 -17.48
C ASP A 331 2.20 -9.75 -17.49
N ASP A 332 2.48 -9.75 -18.79
CA ASP A 332 3.61 -10.47 -19.37
C ASP A 332 4.76 -9.49 -19.58
N TYR A 333 5.98 -9.97 -19.37
CA TYR A 333 7.18 -9.15 -19.45
C TYR A 333 8.27 -9.94 -20.15
N GLU A 334 9.18 -9.21 -20.82
CA GLU A 334 10.32 -9.87 -21.46
C GLU A 334 11.22 -10.45 -20.38
N GLU A 335 11.66 -11.68 -20.58
CA GLU A 335 12.45 -12.39 -19.59
C GLU A 335 13.93 -12.11 -19.85
N GLU A 336 14.60 -11.58 -18.84
CA GLU A 336 16.02 -11.28 -18.90
C GLU A 336 16.78 -12.20 -17.95
N GLU A 337 17.99 -12.57 -18.34
CA GLU A 337 18.82 -13.39 -17.47
C GLU A 337 19.09 -12.62 -16.18
N ILE A 338 19.35 -13.35 -15.11
CA ILE A 338 19.87 -12.75 -13.89
C ILE A 338 21.33 -13.13 -13.80
N ARG A 339 22.20 -12.15 -13.95
CA ARG A 339 23.63 -12.37 -14.01
C ARG A 339 24.25 -12.10 -12.65
N VAL A 340 25.22 -12.94 -12.28
CA VAL A 340 25.93 -12.78 -11.04
C VAL A 340 27.42 -12.64 -11.39
N SEP A 341 27.94 -11.44 -11.20
CA SEP A 341 29.34 -11.14 -11.48
CB SEP A 341 29.61 -9.65 -11.27
OG SEP A 341 31.00 -9.37 -11.25
C SEP A 341 30.27 -11.97 -10.61
O SEP A 341 29.89 -12.42 -9.53
P SEP A 341 31.57 -9.08 -12.72
O1P SEP A 341 32.98 -8.33 -12.54
O2P SEP A 341 31.78 -10.48 -13.48
O3P SEP A 341 30.57 -8.14 -13.57
H SEP A 341 27.50 -10.76 -10.90
HA SEP A 341 29.53 -11.36 -12.43
HB2 SEP A 341 29.22 -9.39 -10.42
HB3 SEP A 341 29.20 -9.15 -11.99
N ILE A 342 31.50 -12.20 -11.09
CA ILE A 342 32.46 -12.98 -10.32
C ILE A 342 33.12 -12.11 -9.25
N ASN A 343 32.85 -10.82 -9.28
CA ASN A 343 33.38 -9.87 -8.31
C ASN A 343 32.23 -9.23 -7.54
N GLU A 344 32.37 -9.17 -6.22
CA GLU A 344 31.38 -8.50 -5.38
C GLU A 344 31.27 -7.04 -5.78
N LYS A 345 30.03 -6.56 -5.91
CA LYS A 345 29.76 -5.16 -6.16
C LYS A 345 29.10 -4.55 -4.92
N CYS A 346 29.57 -3.36 -4.55
CA CYS A 346 28.89 -2.52 -3.56
C CYS A 346 28.73 -3.24 -2.21
N GLY A 347 29.77 -3.93 -1.77
CA GLY A 347 29.66 -4.69 -0.53
C GLY A 347 29.44 -3.80 0.68
N LYS A 348 30.25 -2.74 0.80
CA LYS A 348 30.14 -1.85 1.96
C LYS A 348 28.74 -1.26 2.06
N GLU A 349 28.19 -0.80 0.95
CA GLU A 349 26.92 -0.10 0.99
C GLU A 349 25.80 -0.98 1.55
N PHE A 350 25.86 -2.29 1.28
CA PHE A 350 24.76 -3.19 1.60
C PHE A 350 25.11 -4.19 2.70
N THR A 351 26.11 -3.86 3.53
CA THR A 351 26.50 -4.74 4.63
C THR A 351 25.32 -5.21 5.46
N GLU A 352 24.38 -4.31 5.76
CA GLU A 352 23.29 -4.64 6.67
C GLU A 352 22.19 -5.46 6.03
N PHE A 353 22.17 -5.59 4.71
CA PHE A 353 21.09 -6.32 4.05
C PHE A 353 21.19 -7.80 4.39
N THR B 1 -17.73 14.83 -20.24
CA THR B 1 -17.96 14.29 -18.90
C THR B 1 -16.64 14.17 -18.16
N THR B 2 -16.73 14.00 -16.83
CA THR B 2 -15.52 13.84 -16.06
C THR B 2 -14.75 12.59 -16.50
N TYR B 3 -15.45 11.50 -16.79
CA TYR B 3 -14.79 10.30 -17.29
C TYR B 3 -14.04 10.59 -18.59
N ALA B 4 -14.67 11.31 -19.53
CA ALA B 4 -13.98 11.65 -20.76
C ALA B 4 -12.76 12.51 -20.48
N ASP B 5 -12.86 13.44 -19.52
CA ASP B 5 -11.70 14.24 -19.16
C ASP B 5 -10.57 13.36 -18.61
N PHE B 6 -10.92 12.33 -17.84
CA PHE B 6 -9.92 11.41 -17.31
C PHE B 6 -9.21 10.67 -18.45
N ILE B 7 -9.98 10.16 -19.41
CA ILE B 7 -9.36 9.52 -20.57
C ILE B 7 -8.45 10.52 -21.30
N ALA B 8 -8.89 11.76 -21.45
CA ALA B 8 -8.10 12.77 -22.15
C ALA B 8 -6.82 13.15 -21.42
N SER B 9 -6.74 12.92 -20.10
CA SER B 9 -5.55 13.30 -19.34
C SER B 9 -4.30 12.51 -19.75
N GLY B 10 -4.46 11.34 -20.34
CA GLY B 10 -3.33 10.47 -20.61
C GLY B 10 -2.77 9.77 -19.39
N ARG B 11 -3.43 9.89 -18.25
CA ARG B 11 -2.94 9.30 -17.01
C ARG B 11 -3.85 8.19 -16.50
N THR B 12 -4.32 7.34 -17.42
CA THR B 12 -5.16 6.20 -17.09
C THR B 12 -4.35 4.93 -16.84
N GLY B 13 -3.07 4.92 -17.18
CA GLY B 13 -2.21 3.75 -16.97
C GLY B 13 -1.53 3.81 -15.62
N ARG B 14 -0.65 2.84 -15.38
N ARG B 14 -0.64 2.85 -15.38
CA ARG B 14 0.06 2.81 -14.12
CA ARG B 14 0.05 2.80 -14.12
C ARG B 14 0.89 4.08 -13.97
C ARG B 14 0.94 4.04 -13.95
N ARG B 15 0.84 4.67 -12.78
CA ARG B 15 1.45 5.97 -12.53
C ARG B 15 2.75 5.83 -11.79
N ASN B 16 3.76 6.54 -12.26
CA ASN B 16 5.06 6.52 -11.61
C ASN B 16 5.07 7.44 -10.40
N ALA B 17 5.87 7.05 -9.40
CA ALA B 17 6.20 7.96 -8.34
C ALA B 17 7.14 9.04 -8.86
N ILE B 18 7.25 10.13 -8.08
CA ILE B 18 8.05 11.29 -8.47
C ILE B 18 9.48 10.90 -8.81
N HIS B 19 10.07 10.01 -8.00
CA HIS B 19 11.48 9.70 -8.22
C HIS B 19 11.73 8.93 -9.52
N ASP B 20 10.70 8.40 -10.16
CA ASP B 20 10.82 7.59 -11.38
C ASP B 20 10.57 8.43 -12.63
C2 7KB C . 3.11 -10.98 -6.38
O1 7KB C . 5.62 -6.98 -8.52
C9 7KB C . 5.35 -8.94 -3.56
C10 7KB C . 6.31 -4.53 -7.28
C4 7KB C . 4.57 -9.59 -4.55
C3 7KB C . 3.82 -10.75 -4.25
C8 7KB C . 6.03 -7.80 -3.85
C7 7KB C . 5.90 -7.21 -5.10
C6 7KB C . 5.11 -7.77 -6.06
C5 7KB C . 4.46 -9.05 -5.87
S 7KB C . 4.73 -6.73 -7.44
O 7KB C . 3.32 -6.80 -7.66
N1 7KB C . 5.02 -5.19 -6.95
C14 7KB C . 4.20 -4.68 -5.84
C13 7KB C . 3.20 -3.66 -6.30
N2 7KB C . 3.85 -2.35 -6.59
C12 7KB C . 4.91 -2.42 -7.64
C11 7KB C . 6.23 -3.02 -7.13
C1 7KB C . 3.81 -9.88 -6.85
C 7KB C . 3.88 -9.62 -8.33
N 7KB C . 3.10 -11.41 -5.13
C1 MPD D . -8.59 -5.04 14.23
C2 MPD D . -7.65 -4.81 15.41
O2 MPD D . -8.41 -3.88 16.23
CM MPD D . -7.38 -6.11 16.17
C3 MPD D . -6.33 -4.22 14.87
C4 MPD D . -6.04 -2.69 14.83
O4 MPD D . -5.48 -2.20 13.61
C5 MPD D . -7.24 -1.84 15.14
#